data_4LY7
#
_entry.id   4LY7
#
_cell.length_a   82.379
_cell.length_b   82.379
_cell.length_c   44.650
_cell.angle_alpha   90.00
_cell.angle_beta   90.00
_cell.angle_gamma   120.00
#
_symmetry.space_group_name_H-M   'P 61'
#
loop_
_entity.id
_entity.type
_entity.pdbx_description
1 polymer 'Ribonuclease H'
2 non-polymer 'SULFATE ION'
3 water water
#
_entity_poly.entity_id   1
_entity_poly.type   'polypeptide(L)'
_entity_poly.pdbx_seq_one_letter_code
;MLKQVEIFTDGSCLGNPGPGGYGAILRYKQHEKTFSAGFHLTTNNRMELMAAIVALESLKQPCEVILSTDSQYVRQGITQ
WIHNWKKRGWKTADKKPVKNVDLWQRLDAAIQRHTINWKWVKGHAGHPENERCDELARTAAESPTLEDVGYQPNA
;
_entity_poly.pdbx_strand_id   A
#
# COMPACT_ATOMS: atom_id res chain seq x y z
N MET A 1 -12.17 -16.66 -10.34
CA MET A 1 -13.18 -15.56 -10.21
C MET A 1 -13.48 -14.95 -11.56
N LEU A 2 -14.76 -14.92 -11.91
CA LEU A 2 -15.18 -14.40 -13.20
C LEU A 2 -14.90 -12.92 -13.23
N LYS A 3 -14.99 -12.27 -12.07
CA LYS A 3 -14.73 -10.85 -11.95
C LYS A 3 -13.69 -10.56 -10.86
N GLN A 4 -12.80 -9.62 -11.14
N GLN A 4 -12.79 -9.61 -11.13
CA GLN A 4 -11.72 -9.32 -10.23
CA GLN A 4 -11.66 -9.34 -10.26
C GLN A 4 -12.07 -8.12 -9.36
C GLN A 4 -11.85 -8.02 -9.49
N VAL A 5 -11.35 -7.97 -8.27
CA VAL A 5 -11.41 -6.77 -7.47
C VAL A 5 -10.38 -5.78 -8.02
N GLU A 6 -10.82 -4.57 -8.31
CA GLU A 6 -9.93 -3.49 -8.69
C GLU A 6 -9.59 -2.62 -7.49
N ILE A 7 -8.31 -2.40 -7.28
CA ILE A 7 -7.83 -1.58 -6.16
C ILE A 7 -6.92 -0.48 -6.70
N PHE A 8 -7.04 0.69 -6.11
CA PHE A 8 -6.20 1.86 -6.43
C PHE A 8 -5.70 2.40 -5.12
N THR A 9 -4.42 2.79 -5.07
CA THR A 9 -3.83 3.19 -3.79
C THR A 9 -2.84 4.33 -3.95
N ASP A 10 -2.73 5.15 -2.94
CA ASP A 10 -1.66 6.18 -2.84
C ASP A 10 -1.44 6.50 -1.36
N GLY A 11 -0.29 7.09 -1.07
CA GLY A 11 -0.01 7.57 0.27
C GLY A 11 1.06 8.63 0.16
N SER A 12 1.10 9.52 1.12
CA SER A 12 2.06 10.62 1.13
C SER A 12 2.12 11.28 2.48
N CYS A 13 3.16 12.12 2.67
N CYS A 13 3.07 12.22 2.55
CA CYS A 13 3.35 12.90 3.89
CA CYS A 13 3.52 12.86 3.78
C CYS A 13 3.50 14.38 3.58
C CYS A 13 3.60 14.39 3.57
N LEU A 14 3.30 15.17 4.61
CA LEU A 14 3.49 16.61 4.58
C LEU A 14 4.90 16.89 5.10
N GLY A 15 5.87 16.88 4.19
CA GLY A 15 7.28 16.78 4.52
C GLY A 15 7.57 15.37 4.92
N ASN A 16 8.79 14.92 4.73
CA ASN A 16 9.14 13.51 4.90
C ASN A 16 10.42 13.44 5.73
N PRO A 17 10.35 12.94 6.96
CA PRO A 17 9.13 12.39 7.60
C PRO A 17 8.21 13.51 8.09
N GLY A 18 6.98 13.16 8.38
CA GLY A 18 5.98 14.11 8.80
C GLY A 18 4.65 13.45 8.98
N PRO A 19 3.61 14.25 9.26
CA PRO A 19 2.27 13.67 9.27
C PRO A 19 2.00 13.09 7.89
N GLY A 20 1.34 11.95 7.84
CA GLY A 20 1.08 11.31 6.56
C GLY A 20 -0.28 10.67 6.52
N GLY A 21 -0.65 10.21 5.33
CA GLY A 21 -1.90 9.53 5.17
C GLY A 21 -1.91 8.70 3.93
N TYR A 22 -2.94 7.87 3.82
CA TYR A 22 -3.13 7.04 2.63
C TYR A 22 -4.57 7.15 2.15
N GLY A 23 -4.78 6.77 0.90
CA GLY A 23 -6.12 6.60 0.34
C GLY A 23 -6.11 5.36 -0.53
N ALA A 24 -7.17 4.59 -0.43
CA ALA A 24 -7.36 3.38 -1.24
C ALA A 24 -8.80 3.28 -1.64
N ILE A 25 -9.02 2.88 -2.88
CA ILE A 25 -10.36 2.65 -3.42
C ILE A 25 -10.38 1.23 -3.94
N LEU A 26 -11.43 0.51 -3.57
CA LEU A 26 -11.67 -0.85 -4.04
C LEU A 26 -13.00 -0.85 -4.77
N ARG A 27 -13.01 -1.47 -5.95
CA ARG A 27 -14.24 -1.68 -6.69
C ARG A 27 -14.44 -3.14 -7.06
N TYR A 28 -15.59 -3.70 -6.72
CA TYR A 28 -15.91 -5.08 -7.05
C TYR A 28 -17.42 -5.17 -7.29
N LYS A 29 -17.82 -5.83 -8.37
CA LYS A 29 -19.24 -5.95 -8.70
C LYS A 29 -19.99 -4.64 -8.59
N GLN A 30 -19.34 -3.59 -9.08
CA GLN A 30 -19.92 -2.25 -9.15
C GLN A 30 -20.18 -1.61 -7.80
N HIS A 31 -19.58 -2.15 -6.75
CA HIS A 31 -19.67 -1.58 -5.42
C HIS A 31 -18.30 -1.02 -5.08
N GLU A 32 -18.28 0.22 -4.65
CA GLU A 32 -17.02 0.90 -4.29
C GLU A 32 -16.91 1.08 -2.80
N LYS A 33 -15.71 0.86 -2.30
CA LYS A 33 -15.32 1.11 -0.92
C LYS A 33 -14.05 1.93 -0.90
N THR A 34 -13.96 2.84 0.08
N THR A 34 -13.96 2.83 0.08
CA THR A 34 -12.81 3.71 0.29
CA THR A 34 -12.78 3.66 0.28
C THR A 34 -12.22 3.48 1.69
C THR A 34 -12.21 3.47 1.68
N PHE A 35 -10.88 3.55 1.77
CA PHE A 35 -10.17 3.55 3.04
C PHE A 35 -9.19 4.70 3.06
N SER A 36 -9.11 5.37 4.19
CA SER A 36 -8.17 6.45 4.36
C SER A 36 -7.95 6.69 5.82
N ALA A 37 -6.69 6.86 6.20
CA ALA A 37 -6.34 7.18 7.58
C ALA A 37 -5.05 7.97 7.58
N GLY A 38 -4.90 8.76 8.62
CA GLY A 38 -3.75 9.64 8.82
C GLY A 38 -3.00 9.32 10.08
N PHE A 39 -1.69 9.54 10.01
CA PHE A 39 -0.71 9.18 11.04
C PHE A 39 0.11 10.41 11.43
N HIS A 40 0.35 10.54 12.72
CA HIS A 40 0.98 11.75 13.24
C HIS A 40 2.40 11.97 12.73
N LEU A 41 3.14 10.89 12.59
CA LEU A 41 4.53 10.94 12.15
C LEU A 41 4.86 9.64 11.43
N THR A 42 5.22 9.76 10.15
CA THR A 42 5.47 8.60 9.30
C THR A 42 6.30 9.04 8.08
N THR A 43 6.39 8.19 7.06
CA THR A 43 7.17 8.47 5.85
C THR A 43 6.34 8.23 4.61
N ASN A 44 6.75 8.84 3.48
CA ASN A 44 6.09 8.58 2.20
C ASN A 44 6.04 7.10 1.88
N ASN A 45 7.20 6.45 2.02
CA ASN A 45 7.30 5.04 1.67
C ASN A 45 6.33 4.21 2.51
N ARG A 46 6.28 4.51 3.81
CA ARG A 46 5.41 3.74 4.70
C ARG A 46 3.92 3.95 4.36
N MET A 47 3.56 5.13 3.94
CA MET A 47 2.17 5.42 3.58
C MET A 47 1.77 4.79 2.24
N GLU A 48 2.68 4.80 1.27
CA GLU A 48 2.45 4.13 -0.01
C GLU A 48 2.22 2.65 0.25
N LEU A 49 3.02 2.05 1.13
CA LEU A 49 2.84 0.63 1.48
C LEU A 49 1.55 0.40 2.28
N MET A 50 1.29 1.23 3.27
CA MET A 50 0.10 1.10 4.11
C MET A 50 -1.17 1.12 3.29
N ALA A 51 -1.21 1.93 2.23
CA ALA A 51 -2.39 2.03 1.39
C ALA A 51 -2.69 0.66 0.77
N ALA A 52 -1.68 0.02 0.20
CA ALA A 52 -1.87 -1.30 -0.40
C ALA A 52 -2.23 -2.34 0.65
N ILE A 53 -1.55 -2.31 1.77
CA ILE A 53 -1.79 -3.28 2.84
C ILE A 53 -3.24 -3.21 3.35
N VAL A 54 -3.72 -2.03 3.68
CA VAL A 54 -5.06 -1.86 4.23
C VAL A 54 -6.10 -2.30 3.20
N ALA A 55 -5.91 -1.93 1.92
CA ALA A 55 -6.85 -2.35 0.88
C ALA A 55 -6.91 -3.89 0.78
N LEU A 56 -5.74 -4.52 0.75
CA LEU A 56 -5.70 -5.97 0.57
C LEU A 56 -6.18 -6.69 1.82
N GLU A 57 -5.90 -6.16 3.00
CA GLU A 57 -6.33 -6.76 4.25
C GLU A 57 -7.84 -6.67 4.42
N SER A 58 -8.47 -5.77 3.67
CA SER A 58 -9.92 -5.60 3.74
C SER A 58 -10.65 -6.74 3.05
N LEU A 59 -9.94 -7.45 2.16
CA LEU A 59 -10.50 -8.60 1.46
C LEU A 59 -10.09 -9.80 2.28
N LYS A 60 -11.04 -10.33 3.06
N LYS A 60 -11.04 -10.31 3.08
N LYS A 60 -11.04 -10.35 3.04
CA LYS A 60 -10.77 -11.37 4.04
CA LYS A 60 -10.78 -11.37 4.03
CA LYS A 60 -10.76 -11.37 4.02
C LYS A 60 -10.64 -12.75 3.40
C LYS A 60 -10.62 -12.73 3.40
C LYS A 60 -10.66 -12.74 3.41
N GLN A 61 -11.30 -12.92 2.26
CA GLN A 61 -11.24 -14.16 1.52
C GLN A 61 -10.31 -14.01 0.35
N PRO A 62 -9.69 -15.10 -0.12
CA PRO A 62 -8.83 -14.99 -1.30
C PRO A 62 -9.58 -14.43 -2.51
N CYS A 63 -8.95 -13.46 -3.17
CA CYS A 63 -9.48 -12.83 -4.35
C CYS A 63 -8.45 -12.75 -5.44
N GLU A 64 -8.93 -12.67 -6.66
CA GLU A 64 -8.12 -12.23 -7.77
C GLU A 64 -8.26 -10.71 -7.82
N VAL A 65 -7.13 -10.01 -7.81
CA VAL A 65 -7.09 -8.57 -7.59
C VAL A 65 -6.23 -7.94 -8.67
N ILE A 66 -6.61 -6.74 -9.11
CA ILE A 66 -5.77 -5.87 -9.93
C ILE A 66 -5.53 -4.62 -9.06
N LEU A 67 -4.26 -4.31 -8.77
CA LEU A 67 -3.91 -3.20 -7.89
C LEU A 67 -3.05 -2.21 -8.65
N SER A 68 -3.59 -1.01 -8.80
N SER A 68 -3.58 -1.00 -8.76
CA SER A 68 -2.95 0.09 -9.49
CA SER A 68 -2.95 0.09 -9.48
C SER A 68 -2.39 1.11 -8.52
C SER A 68 -2.37 1.11 -8.50
N THR A 69 -1.08 1.35 -8.62
CA THR A 69 -0.42 2.34 -7.79
C THR A 69 0.76 2.96 -8.55
N ASP A 70 1.00 4.24 -8.28
CA ASP A 70 2.18 4.94 -8.80
C ASP A 70 3.37 4.90 -7.84
N SER A 71 3.26 4.15 -6.75
CA SER A 71 4.37 4.04 -5.80
C SER A 71 5.59 3.36 -6.36
N GLN A 72 6.70 4.07 -6.37
CA GLN A 72 7.94 3.46 -6.80
C GLN A 72 8.45 2.49 -5.74
N TYR A 73 8.25 2.81 -4.47
CA TYR A 73 8.72 1.92 -3.42
C TYR A 73 8.02 0.57 -3.45
N VAL A 74 6.70 0.58 -3.59
CA VAL A 74 5.95 -0.67 -3.66
C VAL A 74 6.40 -1.43 -4.90
N ARG A 75 6.49 -0.75 -6.03
N ARG A 75 6.51 -0.77 -6.03
CA ARG A 75 6.95 -1.35 -7.30
CA ARG A 75 6.95 -1.48 -7.23
C ARG A 75 8.32 -2.02 -7.16
C ARG A 75 8.32 -2.10 -7.06
N GLN A 76 9.26 -1.34 -6.51
CA GLN A 76 10.60 -1.86 -6.30
C GLN A 76 10.59 -3.07 -5.40
N GLY A 77 9.89 -2.99 -4.27
CA GLY A 77 9.85 -4.14 -3.41
C GLY A 77 9.21 -5.35 -4.05
N ILE A 78 8.06 -5.17 -4.69
CA ILE A 78 7.36 -6.31 -5.29
C ILE A 78 8.17 -6.92 -6.44
N THR A 79 8.74 -6.07 -7.29
CA THR A 79 9.36 -6.56 -8.53
C THR A 79 10.81 -6.97 -8.35
N GLN A 80 11.46 -6.55 -7.28
N GLN A 80 11.50 -6.40 -7.35
CA GLN A 80 12.88 -6.86 -7.12
CA GLN A 80 12.95 -6.57 -7.20
C GLN A 80 13.29 -7.50 -5.83
C GLN A 80 13.43 -7.26 -5.89
N TRP A 81 12.82 -6.95 -4.73
CA TRP A 81 13.45 -7.27 -3.46
C TRP A 81 12.76 -8.30 -2.59
N ILE A 82 11.42 -8.36 -2.64
CA ILE A 82 10.71 -9.03 -1.56
C ILE A 82 10.99 -10.56 -1.53
N HIS A 83 11.19 -11.18 -2.69
N HIS A 83 11.23 -11.18 -2.79
CA HIS A 83 11.57 -12.63 -2.79
CA HIS A 83 11.60 -12.63 -2.88
C HIS A 83 12.81 -12.84 -1.94
C HIS A 83 12.85 -12.85 -2.03
N ASN A 84 13.79 -11.96 -2.11
CA ASN A 84 15.08 -12.13 -1.44
C ASN A 84 15.04 -11.70 0.03
N TRP A 85 14.31 -10.65 0.33
CA TRP A 85 14.13 -10.28 1.73
C TRP A 85 13.62 -11.46 2.53
N LYS A 86 12.57 -12.13 2.03
CA LYS A 86 11.96 -13.28 2.71
C LYS A 86 12.95 -14.42 2.91
N LYS A 87 13.66 -14.74 1.84
CA LYS A 87 14.64 -15.82 1.85
C LYS A 87 15.75 -15.54 2.87
N ARG A 88 16.08 -14.27 3.10
CA ARG A 88 17.12 -13.90 4.04
C ARG A 88 16.58 -13.71 5.46
N GLY A 89 15.35 -14.17 5.70
CA GLY A 89 14.73 -14.04 7.02
C GLY A 89 14.43 -12.60 7.40
N TRP A 90 14.18 -11.78 6.38
CA TRP A 90 13.84 -10.39 6.57
C TRP A 90 14.96 -9.60 7.26
N LYS A 91 16.21 -9.95 6.96
CA LYS A 91 17.39 -9.25 7.48
C LYS A 91 18.42 -8.97 6.38
N THR A 92 19.22 -7.91 6.60
CA THR A 92 20.36 -7.61 5.73
C THR A 92 21.56 -8.39 6.25
N ALA A 93 22.70 -8.32 5.55
CA ALA A 93 23.89 -9.11 5.89
C ALA A 93 24.42 -8.82 7.31
N ASP A 94 24.22 -7.58 7.77
CA ASP A 94 24.61 -7.20 9.13
C ASP A 94 23.64 -7.76 10.18
N LYS A 95 22.67 -8.54 9.70
CA LYS A 95 21.66 -9.19 10.54
C LYS A 95 20.64 -8.25 11.17
N LYS A 96 20.58 -7.01 10.69
CA LYS A 96 19.53 -6.08 11.10
C LYS A 96 18.26 -6.39 10.33
N PRO A 97 17.09 -6.19 10.95
CA PRO A 97 15.85 -6.34 10.18
C PRO A 97 15.83 -5.40 9.00
N VAL A 98 15.29 -5.84 7.89
CA VAL A 98 15.16 -4.93 6.77
C VAL A 98 14.24 -3.76 7.12
N LYS A 99 14.48 -2.65 6.44
CA LYS A 99 13.68 -1.45 6.66
C LYS A 99 12.20 -1.72 6.36
N ASN A 100 11.33 -1.25 7.24
CA ASN A 100 9.89 -1.34 7.07
C ASN A 100 9.39 -2.78 7.05
N VAL A 101 10.14 -3.62 7.75
CA VAL A 101 9.82 -5.06 7.79
C VAL A 101 8.39 -5.30 8.26
N ASP A 102 7.93 -4.54 9.24
CA ASP A 102 6.57 -4.68 9.76
C ASP A 102 5.52 -4.62 8.68
N LEU A 103 5.66 -3.67 7.76
CA LEU A 103 4.70 -3.46 6.71
C LEU A 103 4.94 -4.44 5.57
N TRP A 104 6.20 -4.68 5.21
CA TRP A 104 6.46 -5.65 4.15
C TRP A 104 6.00 -7.06 4.49
N GLN A 105 6.08 -7.46 5.77
CA GLN A 105 5.58 -8.79 6.17
C GLN A 105 4.05 -8.83 6.03
N ARG A 106 3.36 -7.74 6.38
CA ARG A 106 1.90 -7.68 6.20
C ARG A 106 1.53 -7.72 4.71
N LEU A 107 2.31 -7.05 3.88
CA LEU A 107 2.07 -7.13 2.44
C LEU A 107 2.30 -8.56 1.94
N ASP A 108 3.37 -9.19 2.39
CA ASP A 108 3.66 -10.56 2.00
C ASP A 108 2.51 -11.50 2.41
N ALA A 109 1.94 -11.30 3.61
CA ALA A 109 0.80 -12.14 4.02
C ALA A 109 -0.36 -11.93 3.04
N ALA A 110 -0.58 -10.72 2.58
CA ALA A 110 -1.66 -10.44 1.63
C ALA A 110 -1.39 -11.06 0.25
N ILE A 111 -0.12 -11.08 -0.14
CA ILE A 111 0.30 -11.71 -1.37
C ILE A 111 0.07 -13.23 -1.32
N GLN A 112 0.22 -13.81 -0.14
CA GLN A 112 -0.07 -15.24 0.02
C GLN A 112 -1.55 -15.51 -0.14
N ARG A 113 -2.36 -14.59 0.37
CA ARG A 113 -3.81 -14.75 0.33
C ARG A 113 -4.40 -14.55 -1.06
N HIS A 114 -4.01 -13.45 -1.71
CA HIS A 114 -4.63 -12.99 -2.92
C HIS A 114 -3.75 -13.22 -4.15
N THR A 115 -4.41 -13.36 -5.30
CA THR A 115 -3.73 -13.47 -6.58
C THR A 115 -3.75 -12.10 -7.20
N ILE A 116 -2.66 -11.38 -6.99
CA ILE A 116 -2.58 -9.97 -7.33
C ILE A 116 -1.87 -9.77 -8.65
N ASN A 117 -2.51 -8.98 -9.50
N ASN A 117 -2.49 -8.96 -9.48
CA ASN A 117 -1.94 -8.43 -10.73
CA ASN A 117 -1.89 -8.43 -10.68
C ASN A 117 -1.65 -6.95 -10.50
C ASN A 117 -1.64 -6.97 -10.43
N TRP A 118 -0.37 -6.60 -10.43
CA TRP A 118 0.04 -5.23 -10.15
C TRP A 118 0.08 -4.41 -11.43
N LYS A 119 -0.45 -3.21 -11.37
CA LYS A 119 -0.42 -2.29 -12.52
C LYS A 119 0.34 -1.04 -12.03
N TRP A 120 1.53 -0.81 -12.54
CA TRP A 120 2.36 0.30 -12.08
C TRP A 120 2.05 1.50 -12.93
N VAL A 121 1.32 2.45 -12.39
CA VAL A 121 0.83 3.52 -13.21
C VAL A 121 1.74 4.73 -13.16
N LYS A 122 1.68 5.51 -14.23
CA LYS A 122 2.41 6.76 -14.34
C LYS A 122 1.40 7.88 -14.60
N GLY A 123 1.30 8.82 -13.67
CA GLY A 123 0.49 9.99 -13.89
C GLY A 123 -0.96 9.81 -13.46
N HIS A 124 -1.60 10.94 -13.15
CA HIS A 124 -3.01 10.95 -12.76
C HIS A 124 -3.98 11.10 -13.93
N ALA A 125 -3.47 11.53 -15.09
CA ALA A 125 -4.35 11.92 -16.20
C ALA A 125 -5.38 10.85 -16.56
N GLY A 126 -4.94 9.63 -16.82
CA GLY A 126 -5.85 8.58 -17.20
C GLY A 126 -6.31 7.76 -16.01
N HIS A 127 -6.13 8.30 -14.80
CA HIS A 127 -6.30 7.53 -13.58
C HIS A 127 -7.08 8.25 -12.48
N PRO A 128 -8.40 8.45 -12.71
CA PRO A 128 -9.19 9.23 -11.75
C PRO A 128 -9.22 8.65 -10.34
N GLU A 129 -9.22 7.34 -10.18
CA GLU A 129 -9.26 6.75 -8.86
C GLU A 129 -7.96 7.03 -8.11
N ASN A 130 -6.84 6.97 -8.82
CA ASN A 130 -5.56 7.28 -8.21
C ASN A 130 -5.49 8.75 -7.78
N GLU A 131 -6.07 9.63 -8.58
N GLU A 131 -6.07 9.62 -8.60
CA GLU A 131 -6.11 11.04 -8.20
CA GLU A 131 -6.19 11.04 -8.26
C GLU A 131 -6.98 11.24 -6.95
C GLU A 131 -6.97 11.22 -6.95
N ARG A 132 -8.08 10.50 -6.85
CA ARG A 132 -8.91 10.55 -5.66
C ARG A 132 -8.11 10.06 -4.45
N CYS A 133 -7.28 9.04 -4.66
CA CYS A 133 -6.47 8.52 -3.55
C CYS A 133 -5.42 9.50 -3.09
N ASP A 134 -4.83 10.22 -4.04
CA ASP A 134 -3.88 11.28 -3.70
C ASP A 134 -4.55 12.32 -2.78
N GLU A 135 -5.77 12.71 -3.11
CA GLU A 135 -6.47 13.68 -2.29
C GLU A 135 -6.77 13.10 -0.89
N LEU A 136 -7.28 11.87 -0.84
CA LEU A 136 -7.55 11.20 0.44
C LEU A 136 -6.28 11.15 1.31
N ALA A 137 -5.13 10.83 0.71
CA ALA A 137 -3.88 10.71 1.47
C ALA A 137 -3.54 12.08 2.09
N ARG A 138 -3.70 13.15 1.33
CA ARG A 138 -3.44 14.51 1.84
C ARG A 138 -4.43 14.91 2.92
N THR A 139 -5.72 14.72 2.69
CA THR A 139 -6.69 15.17 3.70
C THR A 139 -6.52 14.37 5.01
N ALA A 140 -6.16 13.09 4.89
CA ALA A 140 -5.87 12.31 6.08
C ALA A 140 -4.64 12.86 6.81
N ALA A 141 -3.60 13.19 6.05
CA ALA A 141 -2.38 13.75 6.62
C ALA A 141 -2.65 15.10 7.31
N GLU A 142 -3.66 15.83 6.83
CA GLU A 142 -4.07 17.10 7.42
C GLU A 142 -4.91 16.92 8.71
N SER A 143 -5.35 15.71 8.96
CA SER A 143 -6.13 15.40 10.18
C SER A 143 -5.82 13.97 10.70
N PRO A 144 -4.60 13.75 11.19
CA PRO A 144 -4.27 12.37 11.58
C PRO A 144 -4.98 11.91 12.81
N THR A 145 -5.21 10.61 12.90
CA THR A 145 -5.81 10.04 14.09
C THR A 145 -5.01 8.87 14.68
N LEU A 146 -3.94 8.42 13.99
CA LEU A 146 -3.21 7.23 14.42
C LEU A 146 -1.74 7.47 14.62
N GLU A 147 -1.19 6.77 15.60
N GLU A 147 -1.15 6.82 15.59
CA GLU A 147 0.24 6.55 15.65
CA GLU A 147 0.30 6.66 15.64
C GLU A 147 0.64 5.57 14.56
C GLU A 147 0.73 5.54 14.70
N ASP A 148 1.79 5.78 13.94
CA ASP A 148 2.45 4.74 13.15
C ASP A 148 3.43 4.05 14.08
N VAL A 149 2.96 2.97 14.70
CA VAL A 149 3.73 2.30 15.77
C VAL A 149 4.97 1.61 15.26
N GLY A 150 5.05 1.37 13.96
CA GLY A 150 6.22 0.74 13.37
C GLY A 150 7.26 1.69 12.82
N TYR A 151 6.96 2.99 12.82
CA TYR A 151 7.95 3.98 12.38
C TYR A 151 9.01 4.13 13.46
N GLN A 152 10.22 3.67 13.17
CA GLN A 152 11.21 3.48 14.23
C GLN A 152 12.61 3.86 13.82
N PRO A 153 12.84 5.17 13.63
CA PRO A 153 14.21 5.58 13.31
C PRO A 153 15.08 5.54 14.57
#